data_1F80
#
_entry.id   1F80
#
_cell.length_a   78.458
_cell.length_b   122.032
_cell.length_c   136.767
_cell.angle_alpha   90.00
_cell.angle_beta   90.00
_cell.angle_gamma   90.00
#
_symmetry.space_group_name_H-M   'C 2 2 21'
#
loop_
_entity.id
_entity.type
_entity.pdbx_description
1 polymer 'HOLO-(ACYL CARRIER PROTEIN) SYNTHASE'
2 polymer 'ACYL CARRIER PROTEIN'
3 non-polymer 'SODIUM ION'
4 water water
#
loop_
_entity_poly.entity_id
_entity_poly.type
_entity_poly.pdbx_seq_one_letter_code
_entity_poly.pdbx_strand_id
1 'polypeptide(L)'
;AYGIGLDITELKRIASMAGRQKRFAERILTRSELDQYYELSEARKNEFLAGRFAAKEAFSKAFGTGIGRQLSFQDIEIRK
DQNGKPYIICTKLSQAAVHVSITHTKEYAAAQVVIERLSS
;
A,B,C
2 'polypeptide(L)'
;GPLGSADTLERVTKIIVDRLGVDEADVKLEASFKEDLGAD(PN2)LDVVELVMELEDEFDMEISDEDAEKIATVGDAVNY
IQNQQ
;
D,E,F
#
loop_
_chem_comp.id
_chem_comp.type
_chem_comp.name
_chem_comp.formula
NA non-polymer 'SODIUM ION' 'Na 1'
PN2 non-polymer '4'-(3-AMINOPROPIONIC) PHOSPHOPANTETHEINE' 'C14 H26 N3 O8 P S'
#
# COMPACT_ATOMS: atom_id res chain seq x y z
N ALA A 1 13.52 -19.00 -0.12
CA ALA A 1 12.32 -19.68 -0.75
C ALA A 1 11.68 -18.73 -1.77
N TYR A 2 10.96 -19.30 -2.73
CA TYR A 2 10.26 -18.50 -3.74
C TYR A 2 8.97 -17.94 -3.09
N GLY A 3 8.80 -16.62 -3.19
CA GLY A 3 7.65 -15.97 -2.60
C GLY A 3 7.56 -14.50 -2.92
N ILE A 4 6.65 -13.81 -2.25
CA ILE A 4 6.48 -12.40 -2.52
C ILE A 4 6.40 -11.76 -1.15
N GLY A 5 6.64 -10.46 -1.09
CA GLY A 5 6.59 -9.78 0.18
C GLY A 5 6.11 -8.35 0.01
N LEU A 6 5.32 -7.90 0.97
CA LEU A 6 4.78 -6.56 0.94
C LEU A 6 4.92 -5.92 2.28
N ASP A 7 5.42 -4.69 2.35
CA ASP A 7 5.50 -4.07 3.67
C ASP A 7 5.31 -2.59 3.61
N ILE A 8 4.41 -2.06 4.43
CA ILE A 8 4.15 -0.63 4.50
C ILE A 8 4.57 -0.24 5.91
N THR A 9 5.40 0.81 6.00
CA THR A 9 5.96 1.29 7.26
C THR A 9 5.70 2.80 7.39
N GLU A 10 5.08 3.18 8.50
CA GLU A 10 4.77 4.57 8.83
C GLU A 10 6.03 5.38 9.10
N LEU A 11 6.22 6.47 8.37
CA LEU A 11 7.37 7.38 8.53
C LEU A 11 7.57 7.90 9.97
N LYS A 12 6.46 8.25 10.64
CA LYS A 12 6.51 8.80 12.01
C LYS A 12 7.19 7.86 12.97
N ARG A 13 6.94 6.57 12.83
CA ARG A 13 7.58 5.63 13.73
C ARG A 13 9.09 5.64 13.58
N ILE A 14 9.60 5.91 12.37
CA ILE A 14 11.05 5.93 12.21
C ILE A 14 11.54 7.28 12.66
N ALA A 15 10.76 8.33 12.40
CA ALA A 15 11.20 9.67 12.76
C ALA A 15 11.27 9.82 14.25
N SER A 16 10.34 9.19 14.94
CA SER A 16 10.30 9.25 16.39
C SER A 16 11.48 8.58 17.07
N MET A 17 12.64 8.60 16.45
CA MET A 17 13.81 7.97 17.07
C MET A 17 14.69 9.00 17.78
N ALA A 18 14.92 10.13 17.10
CA ALA A 18 15.69 11.21 17.72
C ALA A 18 17.08 10.76 18.15
N GLY A 19 17.13 10.11 19.34
CA GLY A 19 18.42 9.69 19.87
C GLY A 19 18.62 8.17 19.75
N ARG A 20 17.68 7.53 19.02
CA ARG A 20 17.79 6.09 18.83
C ARG A 20 18.00 5.72 17.36
N GLN A 21 17.68 6.69 16.48
CA GLN A 21 17.83 6.46 15.05
C GLN A 21 19.29 6.15 14.70
N LYS A 22 20.38 6.59 15.33
CA LYS A 22 21.71 6.19 14.91
C LYS A 22 21.88 4.71 15.12
N ARG A 23 21.53 4.23 16.32
CA ARG A 23 21.70 2.83 16.60
C ARG A 23 20.83 1.99 15.71
N PHE A 24 19.63 2.49 15.45
CA PHE A 24 18.70 1.80 14.60
C PHE A 24 19.25 1.76 13.15
N ALA A 25 19.83 2.87 12.72
CA ALA A 25 20.37 2.91 11.36
C ALA A 25 21.49 1.86 11.20
N GLU A 26 22.36 1.80 12.20
CA GLU A 26 23.46 0.87 12.18
C GLU A 26 23.00 -0.58 12.20
N ARG A 27 21.88 -0.86 12.83
CA ARG A 27 21.41 -2.23 12.90
C ARG A 27 20.80 -2.66 11.56
N ILE A 28 20.17 -1.70 10.89
CA ILE A 28 19.42 -1.85 9.66
C ILE A 28 20.17 -1.78 8.35
N LEU A 29 21.14 -0.89 8.25
CA LEU A 29 21.90 -0.68 7.02
C LEU A 29 23.22 -1.34 6.91
N THR A 30 23.62 -1.61 5.67
CA THR A 30 24.92 -2.18 5.40
C THR A 30 25.90 -0.97 5.41
N ARG A 31 27.20 -1.24 5.20
CA ARG A 31 28.21 -0.18 5.19
C ARG A 31 27.90 0.89 4.15
N SER A 32 27.70 0.49 2.90
CA SER A 32 27.43 1.52 1.88
C SER A 32 26.10 2.25 2.07
N GLU A 33 25.10 1.59 2.67
CA GLU A 33 23.81 2.24 2.88
C GLU A 33 23.92 3.31 3.95
N LEU A 34 24.70 3.01 4.98
CA LEU A 34 24.93 3.91 6.08
C LEU A 34 25.66 5.21 5.61
N ASP A 35 26.62 5.07 4.70
CA ASP A 35 27.36 6.21 4.14
C ASP A 35 26.39 7.14 3.43
N GLN A 36 25.41 6.58 2.74
CA GLN A 36 24.45 7.43 2.03
C GLN A 36 23.58 8.17 3.01
N TYR A 37 23.24 7.48 4.08
CA TYR A 37 22.37 8.01 5.11
C TYR A 37 23.00 9.17 5.82
N TYR A 38 24.28 9.05 6.18
CA TYR A 38 24.96 10.13 6.88
C TYR A 38 25.09 11.38 6.04
N GLU A 39 25.03 11.22 4.72
CA GLU A 39 25.10 12.34 3.78
C GLU A 39 23.76 13.05 3.63
N LEU A 40 22.68 12.48 4.16
CA LEU A 40 21.36 13.09 3.99
C LEU A 40 20.95 14.08 5.07
N SER A 41 19.96 14.90 4.75
CA SER A 41 19.39 15.88 5.69
C SER A 41 18.51 15.09 6.65
N GLU A 42 18.10 15.69 7.76
CA GLU A 42 17.28 14.92 8.70
C GLU A 42 15.96 14.36 8.19
N ALA A 43 15.20 15.11 7.38
CA ALA A 43 13.94 14.58 6.87
C ALA A 43 14.28 13.46 5.88
N ARG A 44 15.33 13.67 5.09
CA ARG A 44 15.75 12.67 4.16
C ARG A 44 16.28 11.41 4.85
N LYS A 45 16.86 11.54 6.04
CA LYS A 45 17.30 10.33 6.76
C LYS A 45 16.11 9.42 7.14
N ASN A 46 15.01 10.01 7.61
CA ASN A 46 13.89 9.19 7.99
C ASN A 46 13.26 8.47 6.81
N GLU A 47 13.20 9.15 5.67
CA GLU A 47 12.61 8.55 4.49
C GLU A 47 13.45 7.38 4.00
N PHE A 48 14.75 7.62 3.93
CA PHE A 48 15.72 6.66 3.48
C PHE A 48 15.64 5.45 4.40
N LEU A 49 15.56 5.71 5.70
CA LEU A 49 15.51 4.64 6.67
C LEU A 49 14.21 3.82 6.59
N ALA A 50 13.11 4.49 6.41
CA ALA A 50 11.86 3.78 6.36
C ALA A 50 11.78 2.95 5.04
N GLY A 51 12.36 3.47 3.96
CA GLY A 51 12.30 2.76 2.69
C GLY A 51 13.15 1.49 2.74
N ARG A 52 14.30 1.59 3.39
CA ARG A 52 15.19 0.45 3.51
C ARG A 52 14.57 -0.61 4.47
N PHE A 53 13.95 -0.17 5.58
CA PHE A 53 13.35 -1.11 6.52
C PHE A 53 12.19 -1.82 5.79
N ALA A 54 11.39 -1.06 5.03
CA ALA A 54 10.29 -1.67 4.28
C ALA A 54 10.85 -2.66 3.23
N ALA A 55 11.77 -2.21 2.39
CA ALA A 55 12.37 -3.10 1.40
C ALA A 55 12.94 -4.37 2.02
N LYS A 56 13.62 -4.24 3.17
CA LYS A 56 14.21 -5.42 3.82
C LYS A 56 13.20 -6.30 4.52
N GLU A 57 12.10 -5.73 5.04
CA GLU A 57 11.07 -6.51 5.71
C GLU A 57 10.34 -7.30 4.64
N ALA A 58 10.08 -6.65 3.51
CA ALA A 58 9.43 -7.28 2.39
C ALA A 58 10.29 -8.42 1.86
N PHE A 59 11.58 -8.16 1.72
CA PHE A 59 12.47 -9.15 1.20
C PHE A 59 12.47 -10.38 2.12
N SER A 60 12.59 -10.14 3.42
CA SER A 60 12.63 -11.26 4.32
C SER A 60 11.31 -12.04 4.25
N LYS A 61 10.21 -11.38 3.93
CA LYS A 61 8.91 -12.04 3.81
C LYS A 61 8.91 -13.01 2.61
N ALA A 62 9.40 -12.53 1.48
CA ALA A 62 9.48 -13.30 0.28
C ALA A 62 10.48 -14.41 0.51
N PHE A 63 11.58 -14.13 1.21
CA PHE A 63 12.60 -15.14 1.48
C PHE A 63 11.99 -16.22 2.38
N GLY A 64 10.87 -15.90 2.99
CA GLY A 64 10.13 -16.83 3.83
C GLY A 64 10.68 -17.23 5.19
N THR A 65 11.75 -16.58 5.62
CA THR A 65 12.37 -16.91 6.92
C THR A 65 12.29 -15.78 7.96
N GLY A 66 12.01 -14.56 7.50
CA GLY A 66 11.97 -13.44 8.44
C GLY A 66 13.40 -13.12 8.86
N ILE A 67 13.59 -12.13 9.74
CA ILE A 67 14.93 -11.77 10.14
C ILE A 67 15.38 -12.60 11.34
N GLY A 68 16.57 -13.17 11.24
CA GLY A 68 17.06 -14.00 12.32
C GLY A 68 18.29 -14.76 11.90
N ARG A 69 18.34 -16.02 12.29
CA ARG A 69 19.46 -16.90 11.99
C ARG A 69 19.76 -17.05 10.48
N GLN A 70 18.74 -17.31 9.68
CA GLN A 70 18.94 -17.51 8.24
C GLN A 70 19.10 -16.19 7.50
N LEU A 71 18.66 -15.09 8.11
CA LEU A 71 18.75 -13.81 7.42
C LEU A 71 18.88 -12.59 8.33
N SER A 72 19.98 -11.86 8.21
CA SER A 72 20.19 -10.67 9.01
C SER A 72 19.95 -9.47 8.14
N PHE A 73 19.59 -8.32 8.74
CA PHE A 73 19.41 -7.06 8.00
C PHE A 73 20.70 -6.74 7.20
N GLN A 74 21.83 -7.13 7.77
CA GLN A 74 23.13 -6.87 7.17
C GLN A 74 23.45 -7.73 5.95
N ASP A 75 22.62 -8.76 5.67
CA ASP A 75 22.84 -9.62 4.52
C ASP A 75 22.10 -9.09 3.30
N ILE A 76 21.31 -8.03 3.50
CA ILE A 76 20.52 -7.49 2.37
C ILE A 76 20.91 -6.08 2.04
N GLU A 77 21.22 -5.81 0.79
CA GLU A 77 21.53 -4.44 0.44
C GLU A 77 20.74 -3.95 -0.78
N ILE A 78 20.16 -2.76 -0.63
CA ILE A 78 19.41 -2.19 -1.74
C ILE A 78 20.39 -1.24 -2.40
N ARG A 79 20.49 -1.32 -3.70
CA ARG A 79 21.36 -0.42 -4.45
C ARG A 79 20.46 0.18 -5.57
N LYS A 80 20.94 1.27 -6.17
CA LYS A 80 20.23 1.92 -7.28
C LYS A 80 21.08 1.94 -8.58
N ASP A 81 20.48 1.60 -9.72
CA ASP A 81 21.28 1.64 -10.92
C ASP A 81 21.37 3.05 -11.49
N GLN A 82 21.95 3.15 -12.67
CA GLN A 82 22.13 4.46 -13.32
C GLN A 82 20.80 5.25 -13.42
N ASN A 83 19.71 4.55 -13.70
CA ASN A 83 18.38 5.17 -13.80
C ASN A 83 17.67 5.35 -12.45
N GLY A 84 18.34 5.08 -11.33
CA GLY A 84 17.68 5.21 -10.03
C GLY A 84 16.73 4.06 -9.68
N LYS A 85 16.73 2.97 -10.47
CA LYS A 85 16.01 1.74 -10.19
C LYS A 85 16.72 0.89 -9.13
N PRO A 86 15.97 0.60 -8.06
CA PRO A 86 16.51 -0.13 -6.93
C PRO A 86 16.54 -1.63 -7.20
N TYR A 87 17.67 -2.25 -6.78
CA TYR A 87 17.76 -3.70 -6.80
C TYR A 87 18.41 -4.22 -5.52
N ILE A 88 18.20 -5.48 -5.21
CA ILE A 88 18.69 -6.06 -3.98
C ILE A 88 19.78 -7.06 -4.24
N ILE A 89 20.87 -6.93 -3.50
CA ILE A 89 21.93 -7.92 -3.56
C ILE A 89 21.84 -8.54 -2.16
N CYS A 90 21.73 -9.85 -2.09
CA CYS A 90 21.64 -10.58 -0.84
C CYS A 90 22.66 -11.72 -0.86
N THR A 91 23.40 -11.82 0.24
CA THR A 91 24.46 -12.83 0.46
C THR A 91 23.97 -14.27 0.70
N LYS A 92 22.70 -14.41 1.08
CA LYS A 92 22.08 -15.69 1.41
C LYS A 92 21.19 -16.29 0.33
N LEU A 93 20.95 -15.54 -0.72
CA LEU A 93 20.07 -15.96 -1.82
C LEU A 93 20.84 -16.70 -2.90
N SER A 94 20.40 -17.93 -3.17
CA SER A 94 21.04 -18.82 -4.13
C SER A 94 20.20 -19.17 -5.36
N GLN A 95 20.78 -19.02 -6.55
CA GLN A 95 20.15 -19.33 -7.84
C GLN A 95 18.67 -18.89 -7.97
N ALA A 96 18.44 -17.59 -7.85
CA ALA A 96 17.08 -17.09 -7.95
C ALA A 96 17.13 -15.63 -8.30
N ALA A 97 16.05 -15.10 -8.86
CA ALA A 97 16.04 -13.70 -9.22
C ALA A 97 15.19 -12.90 -8.24
N VAL A 98 15.67 -11.69 -7.93
CA VAL A 98 14.91 -10.86 -7.00
C VAL A 98 14.44 -9.56 -7.66
N HIS A 99 13.16 -9.24 -7.40
CA HIS A 99 12.63 -7.97 -7.90
C HIS A 99 12.18 -7.08 -6.75
N VAL A 100 12.41 -5.79 -6.76
CA VAL A 100 11.95 -4.92 -5.70
C VAL A 100 11.39 -3.60 -6.27
N SER A 101 10.46 -2.97 -5.54
CA SER A 101 9.95 -1.65 -5.88
C SER A 101 9.61 -0.87 -4.61
N ILE A 102 10.11 0.37 -4.55
CA ILE A 102 9.86 1.18 -3.37
C ILE A 102 9.11 2.46 -3.71
N THR A 103 8.14 2.78 -2.84
CA THR A 103 7.39 4.01 -3.04
C THR A 103 7.13 4.73 -1.72
N HIS A 104 6.87 6.03 -1.79
CA HIS A 104 6.73 6.86 -0.60
C HIS A 104 5.49 7.77 -0.67
N THR A 105 4.77 7.83 0.47
CA THR A 105 3.85 8.94 0.67
C THR A 105 4.37 9.83 1.80
N LYS A 106 3.65 10.92 2.06
CA LYS A 106 4.11 11.77 3.14
C LYS A 106 4.21 10.98 4.45
N GLU A 107 3.30 10.06 4.69
CA GLU A 107 3.33 9.30 5.92
C GLU A 107 3.88 7.89 5.83
N TYR A 108 4.04 7.38 4.61
CA TYR A 108 4.52 5.99 4.48
C TYR A 108 5.64 5.65 3.53
N ALA A 109 6.31 4.56 3.88
CA ALA A 109 7.32 3.92 3.01
C ALA A 109 6.68 2.51 2.73
N ALA A 110 6.57 2.13 1.47
CA ALA A 110 6.04 0.82 1.14
C ALA A 110 7.01 0.16 0.14
N ALA A 111 7.19 -1.15 0.26
CA ALA A 111 8.04 -1.92 -0.66
C ALA A 111 7.42 -3.30 -0.97
N GLN A 112 7.67 -3.79 -2.16
CA GLN A 112 7.21 -5.10 -2.51
C GLN A 112 8.43 -5.82 -3.12
N VAL A 113 8.52 -7.11 -2.86
CA VAL A 113 9.63 -7.89 -3.33
C VAL A 113 9.16 -9.20 -3.94
N VAL A 114 9.74 -9.59 -5.07
CA VAL A 114 9.43 -10.89 -5.66
C VAL A 114 10.77 -11.69 -5.81
N ILE A 115 10.77 -12.90 -5.27
CA ILE A 115 11.92 -13.78 -5.40
C ILE A 115 11.41 -14.93 -6.29
N GLU A 116 12.00 -15.02 -7.46
CA GLU A 116 11.63 -15.99 -8.50
C GLU A 116 12.69 -16.98 -8.89
N ARG A 117 12.26 -18.00 -9.65
CA ARG A 117 13.14 -19.01 -10.21
C ARG A 117 13.93 -18.25 -11.33
N LEU A 118 15.22 -18.54 -11.48
CA LEU A 118 16.02 -17.86 -12.49
C LEU A 118 15.46 -17.98 -13.92
N ALA B 1 3.30 -14.98 -14.39
CA ALA B 1 2.09 -15.12 -13.55
C ALA B 1 0.85 -15.01 -14.40
N TYR B 2 -0.29 -15.51 -13.89
CA TYR B 2 -1.57 -15.43 -14.63
C TYR B 2 -2.38 -14.17 -14.28
N GLY B 3 -2.26 -13.71 -13.02
CA GLY B 3 -2.97 -12.51 -12.55
C GLY B 3 -2.37 -12.00 -11.25
N ILE B 4 -2.53 -10.69 -10.96
CA ILE B 4 -2.08 -10.15 -9.70
C ILE B 4 -3.15 -9.28 -9.14
N GLY B 5 -3.04 -8.95 -7.86
CA GLY B 5 -4.04 -8.12 -7.25
C GLY B 5 -3.53 -7.46 -5.97
N LEU B 6 -3.99 -6.24 -5.75
CA LEU B 6 -3.62 -5.47 -4.58
C LEU B 6 -4.85 -4.85 -3.96
N ASP B 7 -4.83 -4.76 -2.64
CA ASP B 7 -5.93 -4.12 -1.92
C ASP B 7 -5.44 -3.51 -0.62
N ILE B 8 -5.89 -2.31 -0.37
CA ILE B 8 -5.55 -1.60 0.89
C ILE B 8 -6.91 -1.32 1.54
N THR B 9 -7.06 -1.65 2.81
CA THR B 9 -8.31 -1.42 3.53
C THR B 9 -8.16 -0.54 4.80
N GLU B 10 -9.08 0.38 5.04
CA GLU B 10 -8.99 1.26 6.21
C GLU B 10 -9.46 0.53 7.45
N LEU B 11 -8.59 0.40 8.44
CA LEU B 11 -8.97 -0.28 9.68
C LEU B 11 -10.16 0.36 10.40
N LYS B 12 -10.23 1.69 10.47
CA LYS B 12 -11.36 2.34 11.15
C LYS B 12 -12.66 2.03 10.46
N ARG B 13 -12.63 2.01 9.13
CA ARG B 13 -13.84 1.71 8.35
C ARG B 13 -14.35 0.27 8.71
N ILE B 14 -13.43 -0.70 8.69
CA ILE B 14 -13.78 -2.06 9.08
C ILE B 14 -14.30 -2.05 10.54
N ALA B 15 -13.59 -1.42 11.44
CA ALA B 15 -14.03 -1.35 12.84
C ALA B 15 -15.47 -0.80 12.99
N SER B 16 -15.79 0.31 12.34
CA SER B 16 -17.13 0.88 12.41
C SER B 16 -18.17 -0.08 11.85
N MET B 17 -17.84 -0.68 10.72
CA MET B 17 -18.79 -1.60 10.10
C MET B 17 -19.09 -2.78 10.97
N ALA B 18 -18.07 -3.38 11.54
CA ALA B 18 -18.32 -4.53 12.40
C ALA B 18 -19.11 -4.07 13.62
N GLY B 19 -18.90 -2.83 14.09
CA GLY B 19 -19.62 -2.38 15.25
C GLY B 19 -21.10 -2.22 14.94
N ARG B 20 -21.33 -1.63 13.78
CA ARG B 20 -22.62 -1.34 13.21
C ARG B 20 -23.36 -2.62 12.72
N GLN B 21 -22.61 -3.63 12.28
CA GLN B 21 -23.22 -4.85 11.76
C GLN B 21 -22.54 -6.11 12.25
N LYS B 22 -23.11 -6.73 13.27
CA LYS B 22 -22.53 -7.94 13.87
C LYS B 22 -22.28 -9.17 12.95
N ARG B 23 -22.95 -9.26 11.82
CA ARG B 23 -22.75 -10.38 10.89
C ARG B 23 -21.72 -10.09 9.75
N PHE B 24 -21.07 -8.93 9.78
CA PHE B 24 -20.10 -8.61 8.73
C PHE B 24 -18.98 -9.65 8.67
N ALA B 25 -18.44 -10.01 9.82
CA ALA B 25 -17.38 -10.99 9.85
C ALA B 25 -17.79 -12.37 9.36
N GLU B 26 -19.02 -12.80 9.64
CA GLU B 26 -19.53 -14.11 9.21
C GLU B 26 -19.61 -14.19 7.71
N ARG B 27 -19.88 -13.06 7.09
CA ARG B 27 -19.99 -13.00 5.64
C ARG B 27 -18.64 -13.12 4.94
N ILE B 28 -17.63 -12.47 5.53
CA ILE B 28 -16.26 -12.40 5.01
C ILE B 28 -15.39 -13.64 5.27
N LEU B 29 -15.48 -14.17 6.49
CA LEU B 29 -14.64 -15.29 6.95
C LEU B 29 -15.22 -16.67 6.84
N THR B 30 -14.37 -17.66 6.63
CA THR B 30 -14.88 -19.03 6.58
C THR B 30 -15.12 -19.39 8.06
N ARG B 31 -15.64 -20.59 8.35
CA ARG B 31 -15.88 -20.93 9.76
C ARG B 31 -14.56 -21.06 10.50
N SER B 32 -13.60 -21.67 9.82
CA SER B 32 -12.30 -21.82 10.39
C SER B 32 -11.62 -20.43 10.66
N GLU B 33 -11.71 -19.51 9.72
CA GLU B 33 -11.11 -18.18 9.89
C GLU B 33 -11.84 -17.48 11.03
N LEU B 34 -13.15 -17.67 11.03
CA LEU B 34 -14.06 -17.12 12.01
C LEU B 34 -13.74 -17.61 13.43
N ASP B 35 -13.43 -18.90 13.56
CA ASP B 35 -13.11 -19.40 14.89
C ASP B 35 -11.83 -18.74 15.31
N GLN B 36 -10.90 -18.57 14.37
CA GLN B 36 -9.63 -17.92 14.70
C GLN B 36 -9.87 -16.48 15.17
N TYR B 37 -10.77 -15.77 14.51
CA TYR B 37 -11.09 -14.38 14.84
C TYR B 37 -11.63 -14.23 16.27
N TYR B 38 -12.48 -15.16 16.68
CA TYR B 38 -13.09 -15.16 18.01
C TYR B 38 -12.14 -15.31 19.21
N GLU B 39 -11.00 -15.97 18.98
CA GLU B 39 -10.01 -16.18 20.02
C GLU B 39 -9.17 -14.94 20.30
N LEU B 40 -9.38 -13.86 19.54
CA LEU B 40 -8.57 -12.63 19.70
C LEU B 40 -9.24 -11.47 20.44
N SER B 41 -8.40 -10.61 21.02
CA SER B 41 -8.82 -9.42 21.74
C SER B 41 -9.60 -8.49 20.82
N GLU B 42 -10.16 -7.43 21.40
CA GLU B 42 -10.91 -6.46 20.61
C GLU B 42 -9.99 -5.77 19.57
N ALA B 43 -8.73 -5.55 19.93
CA ALA B 43 -7.81 -4.90 19.00
C ALA B 43 -7.53 -5.87 17.87
N ARG B 44 -6.72 -6.88 18.19
CA ARG B 44 -6.33 -7.90 17.24
C ARG B 44 -7.46 -8.33 16.32
N LYS B 45 -8.71 -8.14 16.74
CA LYS B 45 -9.82 -8.55 15.90
C LYS B 45 -10.03 -7.75 14.64
N ASN B 46 -10.05 -6.41 14.75
CA ASN B 46 -10.29 -5.59 13.59
C ASN B 46 -9.19 -5.70 12.57
N GLU B 47 -7.96 -5.90 13.02
CA GLU B 47 -6.90 -6.04 12.07
C GLU B 47 -6.86 -7.42 11.43
N PHE B 48 -7.29 -8.45 12.16
CA PHE B 48 -7.32 -9.78 11.58
C PHE B 48 -8.43 -9.75 10.50
N LEU B 49 -9.58 -9.16 10.85
CA LEU B 49 -10.70 -9.07 9.92
C LEU B 49 -10.30 -8.22 8.70
N ALA B 50 -9.73 -7.04 8.93
CA ALA B 50 -9.33 -6.18 7.82
C ALA B 50 -8.26 -6.88 6.91
N GLY B 51 -7.34 -7.62 7.53
CA GLY B 51 -6.33 -8.28 6.75
C GLY B 51 -6.91 -9.37 5.86
N ARG B 52 -7.84 -10.15 6.39
CA ARG B 52 -8.41 -11.24 5.61
C ARG B 52 -9.26 -10.69 4.52
N PHE B 53 -9.95 -9.59 4.81
CA PHE B 53 -10.75 -8.95 3.77
C PHE B 53 -9.86 -8.45 2.63
N ALA B 54 -8.74 -7.82 3.02
CA ALA B 54 -7.82 -7.32 2.01
C ALA B 54 -7.26 -8.45 1.14
N ALA B 55 -6.86 -9.55 1.82
CA ALA B 55 -6.32 -10.68 1.10
C ALA B 55 -7.35 -11.30 0.17
N LYS B 56 -8.63 -11.26 0.54
CA LYS B 56 -9.63 -11.83 -0.34
C LYS B 56 -9.96 -10.89 -1.45
N GLU B 57 -9.93 -9.60 -1.20
CA GLU B 57 -10.19 -8.67 -2.29
C GLU B 57 -9.04 -8.80 -3.33
N ALA B 58 -7.81 -8.85 -2.84
CA ALA B 58 -6.68 -8.90 -3.73
C ALA B 58 -6.72 -10.23 -4.55
N PHE B 59 -7.06 -11.33 -3.88
CA PHE B 59 -7.12 -12.60 -4.57
C PHE B 59 -8.20 -12.55 -5.66
N SER B 60 -9.38 -12.07 -5.30
CA SER B 60 -10.46 -11.99 -6.29
C SER B 60 -10.02 -11.14 -7.51
N LYS B 61 -9.11 -10.18 -7.34
CA LYS B 61 -8.66 -9.35 -8.47
C LYS B 61 -7.63 -10.14 -9.34
N ALA B 62 -6.72 -10.83 -8.67
CA ALA B 62 -5.73 -11.70 -9.29
C ALA B 62 -6.51 -12.81 -10.05
N PHE B 63 -7.56 -13.33 -9.42
CA PHE B 63 -8.39 -14.38 -10.01
C PHE B 63 -9.04 -13.84 -11.28
N GLY B 64 -9.22 -12.51 -11.39
CA GLY B 64 -9.77 -11.92 -12.58
C GLY B 64 -11.21 -11.44 -12.66
N THR B 65 -11.99 -11.63 -11.61
CA THR B 65 -13.39 -11.27 -11.71
C THR B 65 -13.93 -10.50 -10.53
N GLY B 66 -13.13 -10.32 -9.48
CA GLY B 66 -13.62 -9.67 -8.28
C GLY B 66 -14.58 -10.66 -7.63
N ILE B 67 -15.04 -10.35 -6.42
CA ILE B 67 -16.00 -11.17 -5.63
C ILE B 67 -17.40 -11.09 -6.24
N GLY B 68 -18.13 -12.22 -6.26
CA GLY B 68 -19.48 -12.21 -6.80
C GLY B 68 -19.99 -13.56 -7.28
N ARG B 69 -20.59 -13.53 -8.47
CA ARG B 69 -21.15 -14.70 -9.12
C ARG B 69 -20.09 -15.78 -9.33
N GLN B 70 -18.91 -15.43 -9.84
CA GLN B 70 -17.89 -16.49 -10.07
C GLN B 70 -17.02 -16.78 -8.82
N LEU B 71 -17.21 -16.01 -7.75
CA LEU B 71 -16.36 -16.21 -6.59
C LEU B 71 -16.85 -15.51 -5.35
N SER B 72 -17.01 -16.31 -4.31
CA SER B 72 -17.50 -15.86 -3.02
C SER B 72 -16.35 -15.66 -2.01
N PHE B 73 -16.63 -14.94 -0.93
CA PHE B 73 -15.66 -14.74 0.12
C PHE B 73 -15.46 -16.12 0.79
N GLN B 74 -16.56 -16.90 0.78
CA GLN B 74 -16.57 -18.22 1.40
C GLN B 74 -15.71 -19.24 0.71
N ASP B 75 -15.38 -19.01 -0.56
CA ASP B 75 -14.52 -19.94 -1.29
C ASP B 75 -13.01 -19.68 -1.13
N ILE B 76 -12.67 -18.63 -0.38
CA ILE B 76 -11.27 -18.27 -0.18
C ILE B 76 -10.91 -18.40 1.27
N GLU B 77 -9.87 -19.15 1.54
CA GLU B 77 -9.49 -19.25 2.91
C GLU B 77 -8.00 -19.05 3.11
N ILE B 78 -7.72 -18.20 4.08
CA ILE B 78 -6.38 -17.91 4.48
C ILE B 78 -6.03 -18.82 5.65
N ARG B 79 -4.89 -19.50 5.55
CA ARG B 79 -4.40 -20.40 6.62
C ARG B 79 -2.97 -20.03 7.07
N LYS B 80 -2.63 -20.43 8.28
CA LYS B 80 -1.29 -20.14 8.77
C LYS B 80 -0.51 -21.43 8.55
N ASP B 81 0.78 -21.34 8.22
CA ASP B 81 1.53 -22.57 8.00
C ASP B 81 2.31 -22.97 9.24
N GLN B 82 3.36 -23.78 9.03
CA GLN B 82 4.25 -24.24 10.10
C GLN B 82 4.62 -23.06 10.99
N ASN B 83 5.41 -22.14 10.45
CA ASN B 83 5.80 -21.00 11.25
C ASN B 83 4.84 -19.79 11.33
N GLY B 84 3.62 -19.93 10.82
CA GLY B 84 2.69 -18.83 10.93
C GLY B 84 2.39 -17.94 9.74
N LYS B 85 3.22 -17.98 8.71
CA LYS B 85 2.99 -17.17 7.51
C LYS B 85 1.64 -17.60 6.85
N PRO B 86 0.91 -16.63 6.24
CA PRO B 86 -0.40 -16.84 5.58
C PRO B 86 -0.27 -17.41 4.17
N TYR B 87 -1.20 -18.25 3.77
CA TYR B 87 -1.20 -18.78 2.41
C TYR B 87 -2.67 -19.02 2.12
N ILE B 88 -2.98 -19.16 0.86
CA ILE B 88 -4.35 -19.30 0.46
C ILE B 88 -4.77 -20.58 -0.23
N ILE B 89 -5.94 -21.07 0.19
CA ILE B 89 -6.57 -22.24 -0.41
C ILE B 89 -7.89 -21.74 -0.93
N CYS B 90 -8.09 -21.89 -2.24
CA CYS B 90 -9.32 -21.46 -2.89
C CYS B 90 -10.01 -22.63 -3.59
N THR B 91 -11.29 -22.81 -3.28
CA THR B 91 -12.11 -23.89 -3.84
C THR B 91 -12.18 -23.88 -5.36
N LYS B 92 -12.07 -22.70 -5.97
CA LYS B 92 -12.18 -22.57 -7.40
C LYS B 92 -10.88 -22.76 -8.14
N LEU B 93 -9.78 -22.95 -7.43
CA LEU B 93 -8.49 -23.13 -8.13
C LEU B 93 -7.96 -24.54 -8.14
N SER B 94 -7.41 -24.99 -9.26
CA SER B 94 -6.85 -26.33 -9.30
C SER B 94 -5.50 -26.45 -9.95
N GLN B 95 -5.15 -25.61 -10.90
CA GLN B 95 -3.83 -25.82 -11.52
C GLN B 95 -2.95 -24.58 -11.54
N ALA B 96 -2.94 -23.89 -10.40
CA ALA B 96 -2.18 -22.66 -10.27
C ALA B 96 -1.61 -22.54 -8.89
N ALA B 97 -0.45 -21.93 -8.74
CA ALA B 97 0.10 -21.71 -7.40
C ALA B 97 -0.42 -20.32 -6.98
N VAL B 98 -0.65 -20.13 -5.69
CA VAL B 98 -1.11 -18.84 -5.22
C VAL B 98 -0.16 -18.27 -4.16
N HIS B 99 0.20 -17.00 -4.32
CA HIS B 99 1.05 -16.34 -3.31
C HIS B 99 0.35 -15.12 -2.74
N VAL B 100 0.52 -14.97 -1.44
CA VAL B 100 -0.07 -13.85 -0.76
C VAL B 100 0.85 -13.23 0.23
N SER B 101 0.80 -11.91 0.30
CA SER B 101 1.56 -11.28 1.36
C SER B 101 0.59 -10.29 2.05
N ILE B 102 0.59 -10.29 3.38
CA ILE B 102 -0.30 -9.40 4.11
C ILE B 102 0.46 -8.48 5.03
N THR B 103 0.17 -7.18 4.98
CA THR B 103 0.89 -6.26 5.87
C THR B 103 -0.08 -5.32 6.59
N HIS B 104 0.37 -4.74 7.71
CA HIS B 104 -0.44 -3.83 8.55
C HIS B 104 0.27 -2.58 9.07
N THR B 105 -0.44 -1.44 9.10
CA THR B 105 0.07 -0.22 9.74
C THR B 105 -0.98 0.10 10.78
N LYS B 106 -0.83 1.23 11.46
CA LYS B 106 -1.80 1.61 12.51
C LYS B 106 -3.17 1.86 11.89
N GLU B 107 -3.21 2.46 10.71
CA GLU B 107 -4.48 2.76 10.08
C GLU B 107 -4.96 1.85 8.97
N TYR B 108 -4.06 1.10 8.34
CA TYR B 108 -4.42 0.41 7.11
C TYR B 108 -4.04 -1.08 7.17
N ALA B 109 -4.82 -1.91 6.46
CA ALA B 109 -4.38 -3.29 6.22
C ALA B 109 -4.18 -3.49 4.74
N ALA B 110 -3.06 -4.11 4.37
CA ALA B 110 -2.82 -4.27 2.94
C ALA B 110 -2.40 -5.69 2.52
N ALA B 111 -2.75 -6.13 1.34
CA ALA B 111 -2.38 -7.46 0.89
C ALA B 111 -2.18 -7.48 -0.62
N GLN B 112 -1.33 -8.39 -1.06
CA GLN B 112 -1.15 -8.60 -2.48
C GLN B 112 -1.20 -10.12 -2.76
N VAL B 113 -1.66 -10.45 -3.94
CA VAL B 113 -1.74 -11.82 -4.35
C VAL B 113 -1.18 -12.02 -5.76
N VAL B 114 -0.51 -13.14 -5.95
CA VAL B 114 -0.05 -13.49 -7.28
C VAL B 114 -0.56 -14.92 -7.51
N ILE B 115 -1.24 -15.12 -8.64
CA ILE B 115 -1.69 -16.43 -9.07
C ILE B 115 -0.81 -16.71 -10.29
N GLU B 116 -0.18 -17.88 -10.29
CA GLU B 116 0.72 -18.23 -11.37
C GLU B 116 0.80 -19.75 -11.60
N ARG B 117 1.63 -20.10 -12.57
CA ARG B 117 1.85 -21.47 -12.97
C ARG B 117 2.58 -22.35 -11.99
N LEU B 118 2.35 -23.65 -12.16
CA LEU B 118 3.02 -24.72 -11.41
C LEU B 118 2.40 -24.93 -10.06
N TYR C 2 11.78 -7.61 -17.64
CA TYR C 2 10.96 -8.13 -16.51
C TYR C 2 11.27 -7.42 -15.17
N GLY C 3 10.26 -6.76 -14.58
CA GLY C 3 10.40 -6.04 -13.34
C GLY C 3 9.04 -5.80 -12.69
N ILE C 4 9.03 -5.22 -11.48
CA ILE C 4 7.76 -4.97 -10.89
C ILE C 4 7.73 -3.51 -10.45
N GLY C 5 6.53 -2.94 -10.40
CA GLY C 5 6.38 -1.57 -9.96
C GLY C 5 5.22 -1.43 -8.98
N LEU C 6 5.41 -0.58 -8.01
CA LEU C 6 4.41 -0.32 -7.00
C LEU C 6 4.31 1.17 -6.76
N ASP C 7 3.11 1.72 -6.76
CA ASP C 7 2.97 3.13 -6.40
C ASP C 7 1.73 3.39 -5.57
N ILE C 8 1.85 4.30 -4.61
CA ILE C 8 0.74 4.70 -3.75
C ILE C 8 0.65 6.24 -3.79
N THR C 9 -0.44 6.80 -4.32
CA THR C 9 -0.61 8.24 -4.41
C THR C 9 -1.75 8.81 -3.54
N GLU C 10 -1.50 9.90 -2.85
CA GLU C 10 -2.55 10.49 -2.01
C GLU C 10 -3.59 11.15 -2.84
N LEU C 11 -4.82 10.75 -2.61
CA LEU C 11 -5.95 11.31 -3.33
C LEU C 11 -6.13 12.85 -3.18
N LYS C 12 -5.96 13.40 -1.99
CA LYS C 12 -6.11 14.84 -1.77
C LYS C 12 -5.28 15.65 -2.78
N ARG C 13 -4.01 15.32 -2.90
CA ARG C 13 -3.12 16.02 -3.80
C ARG C 13 -3.63 16.04 -5.24
N ILE C 14 -4.29 14.96 -5.67
CA ILE C 14 -4.75 14.92 -7.05
C ILE C 14 -6.10 15.60 -7.26
N ALA C 15 -6.88 15.72 -6.21
CA ALA C 15 -8.17 16.38 -6.31
C ALA C 15 -7.88 17.86 -6.10
N SER C 16 -6.92 18.13 -5.21
CA SER C 16 -6.49 19.47 -4.82
C SER C 16 -6.09 20.36 -5.98
N MET C 17 -6.02 19.80 -7.18
CA MET C 17 -5.65 20.58 -8.37
C MET C 17 -6.84 21.40 -8.93
N ALA C 18 -7.03 22.58 -8.36
CA ALA C 18 -8.14 23.46 -8.73
C ALA C 18 -8.37 23.53 -10.23
N GLY C 19 -8.03 24.68 -10.83
CA GLY C 19 -8.17 24.85 -12.27
C GLY C 19 -6.95 24.20 -12.91
N ARG C 20 -6.01 23.82 -12.05
CA ARG C 20 -4.79 23.16 -12.48
C ARG C 20 -4.96 21.66 -12.72
N GLN C 21 -6.11 21.08 -12.37
CA GLN C 21 -6.32 19.64 -12.58
C GLN C 21 -6.56 19.24 -14.04
N LYS C 22 -7.23 20.12 -14.79
CA LYS C 22 -7.53 19.82 -16.20
C LYS C 22 -6.26 19.69 -17.02
N ARG C 23 -5.36 20.66 -16.92
CA ARG C 23 -4.13 20.55 -17.68
C ARG C 23 -3.40 19.29 -17.24
N PHE C 24 -3.51 18.98 -15.95
CA PHE C 24 -2.88 17.78 -15.40
C PHE C 24 -3.45 16.52 -16.03
N ALA C 25 -4.75 16.49 -16.31
CA ALA C 25 -5.33 15.31 -16.94
C ALA C 25 -4.80 15.15 -18.35
N GLU C 26 -4.64 16.27 -19.06
CA GLU C 26 -4.15 16.24 -20.43
C GLU C 26 -2.73 15.69 -20.52
N ARG C 27 -2.00 15.84 -19.43
CA ARG C 27 -0.63 15.38 -19.42
C ARG C 27 -0.48 13.91 -19.09
N ILE C 28 -1.34 13.43 -18.19
CA ILE C 28 -1.33 12.06 -17.70
C ILE C 28 -2.13 11.05 -18.54
N LEU C 29 -3.24 11.51 -19.15
CA LEU C 29 -4.13 10.64 -19.92
C LEU C 29 -3.97 10.59 -21.41
N THR C 30 -4.35 9.49 -22.02
CA THR C 30 -4.27 9.43 -23.46
C THR C 30 -5.62 10.03 -23.90
N ARG C 31 -5.86 10.06 -25.22
CA ARG C 31 -7.12 10.56 -25.77
C ARG C 31 -8.28 9.68 -25.32
N SER C 32 -8.11 8.37 -25.46
CA SER C 32 -9.17 7.44 -25.04
C SER C 32 -9.47 7.54 -23.53
N GLU C 33 -8.46 7.93 -22.74
CA GLU C 33 -8.66 8.07 -21.30
C GLU C 33 -9.30 9.42 -20.93
N LEU C 34 -9.03 10.46 -21.73
CA LEU C 34 -9.65 11.76 -21.45
C LEU C 34 -11.16 11.70 -21.68
N ASP C 35 -11.55 11.16 -22.83
CA ASP C 35 -12.96 11.04 -23.17
C ASP C 35 -13.70 10.48 -21.97
N GLN C 36 -13.17 9.39 -21.42
CA GLN C 36 -13.73 8.72 -20.25
C GLN C 36 -13.75 9.59 -19.00
N TYR C 37 -12.70 10.38 -18.83
CA TYR C 37 -12.56 11.25 -17.64
C TYR C 37 -13.54 12.41 -17.65
N TYR C 38 -13.75 13.01 -18.82
CA TYR C 38 -14.69 14.10 -18.89
C TYR C 38 -16.08 13.58 -18.54
N GLU C 39 -16.50 12.49 -19.17
CA GLU C 39 -17.81 11.91 -18.92
C GLU C 39 -18.07 11.52 -17.45
N LEU C 40 -17.20 11.91 -16.52
CA LEU C 40 -17.37 11.51 -15.12
C LEU C 40 -17.75 12.59 -14.11
N SER C 41 -18.19 12.13 -12.94
CA SER C 41 -18.60 13.00 -11.82
C SER C 41 -17.33 13.60 -11.18
N GLU C 42 -17.47 14.44 -10.17
CA GLU C 42 -16.30 15.07 -9.53
C GLU C 42 -15.43 14.11 -8.73
N ALA C 43 -16.06 13.40 -7.78
CA ALA C 43 -15.38 12.43 -6.94
C ALA C 43 -14.81 11.31 -7.81
N ARG C 44 -15.62 10.75 -8.70
CA ARG C 44 -15.17 9.67 -9.57
C ARG C 44 -14.03 10.10 -10.50
N LYS C 45 -13.94 11.41 -10.76
CA LYS C 45 -12.91 12.00 -11.61
C LYS C 45 -11.59 11.97 -10.88
N ASN C 46 -11.58 12.44 -9.63
CA ASN C 46 -10.35 12.45 -8.85
C ASN C 46 -9.82 11.03 -8.66
N GLU C 47 -10.72 10.08 -8.48
CA GLU C 47 -10.35 8.67 -8.30
C GLU C 47 -9.78 8.07 -9.59
N PHE C 48 -10.45 8.32 -10.70
CA PHE C 48 -10.02 7.83 -12.00
C PHE C 48 -8.60 8.29 -12.37
N LEU C 49 -8.32 9.53 -12.02
CA LEU C 49 -7.06 10.22 -12.27
C LEU C 49 -5.96 9.74 -11.34
N ALA C 50 -6.24 9.62 -10.05
CA ALA C 50 -5.24 9.11 -9.11
C ALA C 50 -4.85 7.66 -9.47
N GLY C 51 -5.81 6.88 -9.98
CA GLY C 51 -5.51 5.51 -10.32
C GLY C 51 -4.66 5.42 -11.58
N ARG C 52 -4.95 6.25 -12.57
CA ARG C 52 -4.19 6.26 -13.78
C ARG C 52 -2.78 6.73 -13.45
N PHE C 53 -2.67 7.74 -12.60
CA PHE C 53 -1.35 8.20 -12.26
C PHE C 53 -0.57 7.11 -11.52
N ALA C 54 -1.23 6.43 -10.58
CA ALA C 54 -0.56 5.37 -9.83
C ALA C 54 -0.13 4.23 -10.75
N ALA C 55 -1.05 3.86 -11.63
CA ALA C 55 -0.80 2.76 -12.51
C ALA C 55 0.35 3.04 -13.46
N LYS C 56 0.33 4.23 -14.08
CA LYS C 56 1.39 4.62 -15.02
C LYS C 56 2.75 4.73 -14.32
N GLU C 57 2.78 5.23 -13.07
CA GLU C 57 4.02 5.31 -12.29
C GLU C 57 4.51 3.90 -11.93
N ALA C 58 3.59 3.00 -11.56
CA ALA C 58 3.97 1.63 -11.22
C ALA C 58 4.54 0.98 -12.45
N PHE C 59 3.87 1.17 -13.56
CA PHE C 59 4.33 0.58 -14.79
C PHE C 59 5.70 1.16 -15.18
N SER C 60 5.88 2.44 -14.93
CA SER C 60 7.14 3.05 -15.31
C SER C 60 8.24 2.53 -14.40
N LYS C 61 7.93 2.25 -13.14
CA LYS C 61 9.00 1.73 -12.27
C LYS C 61 9.34 0.34 -12.75
N ALA C 62 8.32 -0.47 -13.02
CA ALA C 62 8.49 -1.85 -13.52
C ALA C 62 9.36 -1.91 -14.77
N PHE C 63 9.09 -1.02 -15.71
CA PHE C 63 9.80 -0.93 -16.97
C PHE C 63 11.27 -0.54 -16.72
N GLY C 64 11.58 -0.04 -15.52
CA GLY C 64 12.92 0.35 -15.14
C GLY C 64 13.44 1.77 -15.39
N THR C 65 12.64 2.61 -16.05
CA THR C 65 13.12 3.96 -16.35
C THR C 65 12.46 5.12 -15.66
N GLY C 66 11.20 4.98 -15.27
CA GLY C 66 10.50 6.10 -14.67
C GLY C 66 9.97 6.90 -15.87
N ILE C 67 9.23 7.96 -15.60
CA ILE C 67 8.69 8.79 -16.67
C ILE C 67 9.82 9.70 -17.13
N GLY C 68 9.93 9.88 -18.44
CA GLY C 68 10.98 10.72 -18.98
C GLY C 68 11.30 10.43 -20.45
N ARG C 69 12.58 10.51 -20.79
CA ARG C 69 13.06 10.30 -22.14
C ARG C 69 12.70 8.92 -22.68
N GLN C 70 12.98 7.89 -21.89
CA GLN C 70 12.71 6.51 -22.29
C GLN C 70 11.23 6.10 -22.31
N LEU C 71 10.38 6.81 -21.57
CA LEU C 71 8.93 6.46 -21.51
C LEU C 71 8.03 7.59 -21.04
N SER C 72 6.92 7.73 -21.76
CA SER C 72 5.91 8.76 -21.48
C SER C 72 4.55 8.20 -21.06
N PHE C 73 3.81 9.01 -20.30
CA PHE C 73 2.46 8.70 -19.85
C PHE C 73 1.61 8.38 -21.05
N GLN C 74 1.85 9.14 -22.11
CA GLN C 74 1.08 8.99 -23.34
C GLN C 74 1.32 7.66 -24.01
N ASP C 75 2.37 6.97 -23.58
CA ASP C 75 2.69 5.67 -24.17
C ASP C 75 2.00 4.55 -23.43
N ILE C 76 1.42 4.89 -22.28
CA ILE C 76 0.76 3.92 -21.45
C ILE C 76 -0.73 4.09 -21.43
N GLU C 77 -1.46 3.07 -21.84
CA GLU C 77 -2.89 3.18 -21.76
C GLU C 77 -3.52 2.05 -20.92
N ILE C 78 -4.41 2.44 -20.00
CA ILE C 78 -5.11 1.50 -19.12
C ILE C 78 -6.56 1.32 -19.56
N ARG C 79 -6.98 0.08 -19.78
CA ARG C 79 -8.36 -0.18 -20.16
C ARG C 79 -8.93 -1.20 -19.19
N LYS C 80 -10.25 -1.38 -19.22
CA LYS C 80 -10.88 -2.40 -18.36
C LYS C 80 -11.84 -3.33 -19.11
N ASP C 81 -11.71 -4.65 -18.90
CA ASP C 81 -12.64 -5.60 -19.55
C ASP C 81 -14.00 -5.64 -18.84
N GLN C 82 -14.87 -6.55 -19.28
CA GLN C 82 -16.24 -6.68 -18.74
C GLN C 82 -16.35 -7.09 -17.28
N ASN C 83 -15.25 -7.60 -16.73
CA ASN C 83 -15.20 -8.06 -15.34
C ASN C 83 -14.59 -6.95 -14.51
N GLY C 84 -14.24 -5.86 -15.20
CA GLY C 84 -13.63 -4.71 -14.55
C GLY C 84 -12.16 -4.89 -14.29
N LYS C 85 -11.52 -5.83 -14.98
CA LYS C 85 -10.10 -6.07 -14.78
C LYS C 85 -9.34 -5.11 -15.65
N PRO C 86 -8.38 -4.39 -15.07
CA PRO C 86 -7.61 -3.45 -15.85
C PRO C 86 -6.49 -4.15 -16.52
N TYR C 87 -6.06 -3.57 -17.63
CA TYR C 87 -4.97 -4.09 -18.36
C TYR C 87 -4.31 -2.92 -19.03
N ILE C 88 -3.02 -3.06 -19.23
CA ILE C 88 -2.24 -2.01 -19.84
C ILE C 88 -1.85 -2.28 -21.28
N ILE C 89 -1.88 -1.25 -22.11
CA ILE C 89 -1.45 -1.42 -23.47
C ILE C 89 -0.25 -0.48 -23.54
N CYS C 90 0.82 -0.95 -24.15
CA CYS C 90 1.94 -0.03 -24.27
C CYS C 90 2.92 -0.48 -25.36
N THR C 91 2.61 -0.06 -26.60
CA THR C 91 3.43 -0.47 -27.73
C THR C 91 4.86 0.08 -27.64
N LYS C 92 5.43 -0.01 -26.43
CA LYS C 92 6.81 0.43 -26.26
C LYS C 92 7.77 -0.75 -26.22
N LEU C 93 7.51 -1.71 -27.13
CA LEU C 93 8.33 -2.92 -27.17
C LEU C 93 7.64 -4.08 -26.45
N SER C 94 6.87 -4.86 -27.25
CA SER C 94 6.13 -5.97 -26.67
C SER C 94 7.05 -7.03 -26.05
N GLN C 95 7.02 -8.24 -26.61
CA GLN C 95 7.91 -9.32 -26.19
C GLN C 95 7.74 -9.51 -24.67
N ALA C 96 6.56 -9.13 -24.15
CA ALA C 96 6.26 -9.22 -22.73
C ALA C 96 4.79 -9.02 -22.39
N ALA C 97 4.33 -9.75 -21.37
CA ALA C 97 2.95 -9.63 -20.92
C ALA C 97 2.98 -8.70 -19.72
N VAL C 98 1.87 -8.01 -19.47
CA VAL C 98 1.79 -7.08 -18.34
C VAL C 98 0.59 -7.41 -17.47
N HIS C 99 0.79 -7.26 -16.17
CA HIS C 99 -0.29 -7.47 -15.22
C HIS C 99 -0.36 -6.19 -14.38
N VAL C 100 -1.58 -5.77 -14.09
CA VAL C 100 -1.79 -4.57 -13.33
C VAL C 100 -2.92 -4.79 -12.39
N SER C 101 -2.87 -4.13 -11.25
CA SER C 101 -3.96 -4.17 -10.29
C SER C 101 -4.03 -2.78 -9.71
N ILE C 102 -5.25 -2.26 -9.51
CA ILE C 102 -5.46 -0.93 -8.98
C ILE C 102 -6.51 -0.97 -7.86
N THR C 103 -6.28 -0.23 -6.78
CA THR C 103 -7.18 -0.21 -5.67
C THR C 103 -7.28 1.19 -5.05
N HIS C 104 -8.41 1.46 -4.44
CA HIS C 104 -8.65 2.75 -3.84
C HIS C 104 -9.14 2.62 -2.43
N THR C 105 -8.84 3.65 -1.69
CA THR C 105 -9.20 3.79 -0.30
C THR C 105 -9.70 5.25 -0.20
N LYS C 106 -10.09 5.72 0.99
CA LYS C 106 -10.58 7.08 1.10
C LYS C 106 -9.43 8.05 0.86
N GLU C 107 -8.26 7.75 1.42
CA GLU C 107 -7.09 8.61 1.24
C GLU C 107 -6.17 8.27 0.08
N TYR C 108 -6.22 7.04 -0.43
CA TYR C 108 -5.09 6.73 -1.29
C TYR C 108 -5.56 6.04 -2.59
N ALA C 109 -4.73 6.18 -3.63
CA ALA C 109 -4.88 5.36 -4.82
C ALA C 109 -3.58 4.61 -5.11
N ALA C 110 -3.70 3.27 -5.19
CA ALA C 110 -2.50 2.44 -5.24
C ALA C 110 -2.50 1.51 -6.47
N ALA C 111 -1.35 1.10 -6.96
CA ALA C 111 -1.32 0.20 -8.13
C ALA C 111 -0.05 -0.60 -8.17
N GLN C 112 -0.11 -1.76 -8.79
CA GLN C 112 1.09 -2.55 -8.89
C GLN C 112 1.13 -3.08 -10.29
N VAL C 113 2.34 -3.28 -10.75
CA VAL C 113 2.50 -3.79 -12.09
C VAL C 113 3.62 -4.83 -12.11
N VAL C 114 3.46 -5.84 -12.93
CA VAL C 114 4.47 -6.84 -13.13
C VAL C 114 4.64 -6.93 -14.65
N ILE C 115 5.84 -6.68 -15.12
CA ILE C 115 6.08 -6.84 -16.56
C ILE C 115 6.98 -8.08 -16.65
N GLU C 116 6.57 -9.10 -17.36
CA GLU C 116 7.47 -10.24 -17.44
C GLU C 116 7.89 -10.63 -18.87
N ARG C 117 8.94 -11.43 -18.92
CA ARG C 117 9.59 -11.91 -20.15
C ARG C 117 8.72 -12.42 -21.31
N SER D 5 -43.61 -4.32 -3.92
CA SER D 5 -44.51 -3.17 -3.63
C SER D 5 -43.90 -1.84 -4.09
N ALA D 6 -44.50 -0.74 -3.62
CA ALA D 6 -44.03 0.61 -3.90
C ALA D 6 -43.52 1.04 -2.52
N ASP D 7 -43.82 0.18 -1.57
CA ASP D 7 -43.45 0.28 -0.17
C ASP D 7 -41.98 -0.16 -0.08
N THR D 8 -41.69 -1.30 -0.70
CA THR D 8 -40.34 -1.83 -0.71
C THR D 8 -39.38 -0.80 -1.27
N LEU D 9 -39.84 0.03 -2.22
CA LEU D 9 -38.95 1.04 -2.78
C LEU D 9 -38.56 2.16 -1.81
N GLU D 10 -39.51 2.60 -1.00
CA GLU D 10 -39.25 3.66 -0.02
C GLU D 10 -38.32 3.13 1.07
N ARG D 11 -38.48 1.87 1.43
CA ARG D 11 -37.63 1.24 2.43
C ARG D 11 -36.18 1.04 1.89
N VAL D 12 -36.04 0.90 0.57
CA VAL D 12 -34.74 0.71 -0.09
C VAL D 12 -34.05 2.06 -0.31
N THR D 13 -34.83 3.11 -0.57
CA THR D 13 -34.25 4.43 -0.79
C THR D 13 -33.74 4.97 0.56
N LYS D 14 -34.52 4.75 1.62
CA LYS D 14 -34.14 5.17 2.96
C LYS D 14 -32.80 4.53 3.29
N ILE D 15 -32.70 3.23 3.04
CA ILE D 15 -31.49 2.50 3.32
C ILE D 15 -30.27 2.94 2.51
N ILE D 16 -30.49 3.31 1.25
CA ILE D 16 -29.40 3.75 0.38
C ILE D 16 -28.88 5.09 0.87
N VAL D 17 -29.79 6.06 0.98
CA VAL D 17 -29.43 7.39 1.44
C VAL D 17 -28.68 7.32 2.77
N ASP D 18 -29.22 6.58 3.73
CA ASP D 18 -28.58 6.44 5.03
C ASP D 18 -27.15 5.97 4.83
N ARG D 19 -26.98 4.91 4.06
CA ARG D 19 -25.69 4.30 3.81
C ARG D 19 -24.71 4.99 2.89
N LEU D 20 -25.10 5.24 1.65
CA LEU D 20 -24.17 5.85 0.70
C LEU D 20 -24.07 7.38 0.73
N GLY D 21 -23.31 7.90 -0.23
CA GLY D 21 -23.16 9.34 -0.34
C GLY D 21 -24.49 9.96 -0.79
N VAL D 22 -25.17 9.26 -1.70
CA VAL D 22 -26.45 9.69 -2.28
C VAL D 22 -27.33 10.64 -1.47
N ASP D 23 -28.08 11.43 -2.22
CA ASP D 23 -29.02 12.38 -1.65
C ASP D 23 -30.31 11.58 -1.43
N GLU D 24 -31.37 11.89 -2.16
CA GLU D 24 -32.64 11.18 -2.03
C GLU D 24 -33.29 11.27 -3.40
N ALA D 25 -32.84 12.24 -4.18
CA ALA D 25 -33.35 12.45 -5.52
C ALA D 25 -32.36 11.92 -6.53
N ASP D 26 -31.84 10.72 -6.29
CA ASP D 26 -30.88 10.11 -7.19
C ASP D 26 -31.12 8.61 -7.20
N VAL D 27 -31.89 8.14 -6.24
CA VAL D 27 -32.22 6.73 -6.14
C VAL D 27 -33.34 6.49 -7.14
N LYS D 28 -32.98 6.50 -8.42
CA LYS D 28 -33.91 6.28 -9.51
C LYS D 28 -33.65 4.83 -9.92
N LEU D 29 -34.70 4.02 -10.00
CA LEU D 29 -34.57 2.59 -10.35
C LEU D 29 -33.42 2.17 -11.26
N GLU D 30 -33.01 3.04 -12.18
CA GLU D 30 -31.93 2.71 -13.10
C GLU D 30 -30.54 2.96 -12.53
N ALA D 31 -30.44 3.78 -11.49
CA ALA D 31 -29.15 4.13 -10.90
C ALA D 31 -28.37 2.93 -10.34
N SER D 32 -27.18 2.70 -10.91
CA SER D 32 -26.31 1.62 -10.42
C SER D 32 -25.67 2.06 -9.12
N PHE D 33 -25.45 1.12 -8.22
CA PHE D 33 -24.85 1.47 -6.94
C PHE D 33 -23.42 1.93 -7.10
N LYS D 34 -22.58 1.08 -7.66
CA LYS D 34 -21.18 1.44 -7.79
C LYS D 34 -20.96 2.63 -8.71
N GLU D 35 -21.63 2.64 -9.85
CA GLU D 35 -21.46 3.71 -10.82
C GLU D 35 -22.07 5.08 -10.48
N ASP D 36 -23.39 5.12 -10.32
CA ASP D 36 -24.09 6.36 -10.04
C ASP D 36 -24.13 6.88 -8.61
N LEU D 37 -24.12 5.98 -7.62
CA LEU D 37 -24.25 6.43 -6.24
C LEU D 37 -22.96 6.48 -5.43
N GLY D 38 -21.83 6.41 -6.13
CA GLY D 38 -20.54 6.46 -5.46
C GLY D 38 -20.20 5.33 -4.50
N ALA D 39 -20.68 4.12 -4.80
CA ALA D 39 -20.41 2.98 -3.93
C ALA D 39 -19.18 2.15 -4.32
N ASP D 40 -18.44 1.71 -3.30
CA ASP D 40 -17.32 0.84 -3.53
C ASP D 40 -17.79 -0.49 -2.96
CA PN2 D 41 -17.18 -2.80 -2.43
N PN2 D 41 -16.89 -1.47 -2.94
C PN2 D 41 -17.66 -2.92 -0.93
O PN2 D 41 -18.63 -3.63 -0.64
CB PN2 D 41 -16.00 -3.72 -2.67
O5 PN2 D 41 -16.49 -5.03 -2.52
P6 PN2 D 41 -16.63 -5.96 -3.84
O7 PN2 D 41 -15.59 -7.10 -3.61
O8 PN2 D 41 -16.21 -5.10 -5.16
O9 PN2 D 41 -18.02 -6.53 -3.89
C11 PN2 D 41 -20.06 -7.88 -3.23
C12 PN2 D 41 -18.63 -7.29 -2.84
C13 PN2 D 41 -20.26 -9.20 -2.40
C14 PN2 D 41 -21.03 -6.80 -2.83
C10 PN2 D 41 -20.15 -8.29 -4.87
O10 PN2 D 41 -21.32 -9.15 -5.10
C9 PN2 D 41 -20.28 -7.06 -5.89
O39 PN2 D 41 -19.46 -6.00 -5.79
N8 PN2 D 41 -21.21 -7.10 -6.81
C7 PN2 D 41 -22.53 -6.49 -6.63
C42 PN2 D 41 -22.78 -5.40 -7.68
C43 PN2 D 41 -23.58 -4.20 -7.12
O44 PN2 D 41 -23.36 -2.93 -7.48
N4 PN2 D 41 -24.50 -4.55 -6.22
C3 PN2 D 41 -25.07 -3.60 -5.18
C47 PN2 D 41 -26.07 -4.33 -4.31
S1 PN2 D 41 -26.74 -3.28 -2.94
N LEU D 42 -16.94 -2.29 -0.01
CA LEU D 42 -17.32 -2.29 1.39
C LEU D 42 -18.69 -1.61 1.56
N ASP D 43 -18.98 -0.62 0.72
CA ASP D 43 -20.26 0.05 0.78
C ASP D 43 -21.38 -0.87 0.35
N VAL D 44 -21.20 -1.67 -0.69
CA VAL D 44 -22.29 -2.51 -1.13
C VAL D 44 -22.48 -3.71 -0.22
N VAL D 45 -21.42 -4.25 0.40
CA VAL D 45 -21.74 -5.37 1.26
C VAL D 45 -22.48 -4.85 2.46
N GLU D 46 -22.20 -3.63 2.92
CA GLU D 46 -22.95 -3.17 4.06
C GLU D 46 -24.41 -3.01 3.63
N LEU D 47 -24.60 -2.42 2.45
CA LEU D 47 -25.89 -2.16 1.81
C LEU D 47 -26.69 -3.45 1.75
N VAL D 48 -26.01 -4.51 1.32
CA VAL D 48 -26.63 -5.83 1.26
C VAL D 48 -27.07 -6.26 2.66
N MET D 49 -26.24 -6.00 3.68
CA MET D 49 -26.59 -6.41 5.02
C MET D 49 -27.79 -5.63 5.58
N GLU D 50 -27.91 -4.38 5.19
CA GLU D 50 -29.04 -3.56 5.63
C GLU D 50 -30.31 -4.26 5.10
N LEU D 51 -30.33 -4.52 3.79
CA LEU D 51 -31.44 -5.20 3.12
C LEU D 51 -31.79 -6.57 3.74
N GLU D 52 -30.80 -7.45 3.95
CA GLU D 52 -31.04 -8.76 4.58
C GLU D 52 -31.80 -8.60 5.92
N ASP D 53 -31.42 -7.55 6.64
CA ASP D 53 -32.01 -7.22 7.92
C ASP D 53 -33.39 -6.58 7.75
N GLU D 54 -33.47 -5.52 6.95
CA GLU D 54 -34.71 -4.81 6.72
C GLU D 54 -35.86 -5.60 6.06
N PHE D 55 -35.57 -6.81 5.60
CA PHE D 55 -36.58 -7.60 4.91
C PHE D 55 -36.39 -9.05 5.23
N ASP D 56 -35.80 -9.33 6.37
CA ASP D 56 -35.58 -10.70 6.77
C ASP D 56 -35.34 -11.66 5.59
N MET D 57 -34.18 -11.53 4.93
CA MET D 57 -33.84 -12.43 3.82
C MET D 57 -32.35 -12.76 3.80
N GLU D 58 -31.97 -13.70 2.95
CA GLU D 58 -30.58 -14.11 2.83
C GLU D 58 -30.13 -13.78 1.41
N ILE D 59 -29.07 -13.00 1.25
CA ILE D 59 -28.57 -12.65 -0.08
C ILE D 59 -27.11 -13.08 -0.25
N SER D 60 -26.90 -14.17 -0.98
CA SER D 60 -25.57 -14.68 -1.23
C SER D 60 -24.68 -13.68 -2.00
N ASP D 61 -23.38 -13.93 -2.00
CA ASP D 61 -22.46 -13.08 -2.75
C ASP D 61 -22.89 -13.14 -4.21
N GLU D 62 -23.50 -14.26 -4.61
CA GLU D 62 -23.96 -14.43 -5.99
C GLU D 62 -25.09 -13.46 -6.24
N ASP D 63 -26.08 -13.46 -5.35
CA ASP D 63 -27.22 -12.56 -5.50
C ASP D 63 -26.81 -11.10 -5.31
N ALA D 64 -25.73 -10.86 -4.58
CA ALA D 64 -25.28 -9.50 -4.38
C ALA D 64 -24.89 -8.96 -5.75
N GLU D 65 -24.20 -9.79 -6.51
CA GLU D 65 -23.78 -9.34 -7.82
C GLU D 65 -24.95 -9.11 -8.77
N LYS D 66 -26.05 -9.84 -8.60
CA LYS D 66 -27.18 -9.56 -9.50
C LYS D 66 -27.78 -8.20 -9.28
N ILE D 67 -27.97 -7.81 -8.02
CA ILE D 67 -28.58 -6.51 -7.76
C ILE D 67 -27.65 -5.30 -7.93
N ALA D 68 -27.28 -5.05 -9.19
CA ALA D 68 -26.41 -3.94 -9.55
C ALA D 68 -27.06 -2.55 -9.50
N THR D 69 -28.37 -2.48 -9.70
CA THR D 69 -29.08 -1.18 -9.66
C THR D 69 -30.17 -1.13 -8.60
N VAL D 70 -30.70 0.07 -8.40
CA VAL D 70 -31.77 0.28 -7.44
C VAL D 70 -32.98 -0.62 -7.79
N GLY D 71 -33.33 -0.68 -9.08
CA GLY D 71 -34.46 -1.49 -9.52
C GLY D 71 -34.21 -2.97 -9.36
N ASP D 72 -32.95 -3.35 -9.45
CA ASP D 72 -32.57 -4.75 -9.28
C ASP D 72 -32.92 -5.17 -7.84
N ALA D 73 -32.55 -4.34 -6.88
CA ALA D 73 -32.85 -4.68 -5.50
C ALA D 73 -34.35 -4.84 -5.33
N VAL D 74 -35.10 -3.85 -5.74
CA VAL D 74 -36.55 -3.92 -5.60
C VAL D 74 -37.09 -5.25 -6.14
N ASN D 75 -36.84 -5.51 -7.42
CA ASN D 75 -37.29 -6.76 -8.05
C ASN D 75 -36.91 -7.93 -7.21
N TYR D 76 -35.67 -7.92 -6.70
CA TYR D 76 -35.18 -9.03 -5.89
C TYR D 76 -35.98 -9.16 -4.61
N ILE D 77 -36.47 -8.04 -4.12
CA ILE D 77 -37.29 -8.04 -2.93
C ILE D 77 -38.74 -8.29 -3.38
N GLN D 78 -38.92 -9.44 -4.04
CA GLN D 78 -40.21 -9.88 -4.56
C GLN D 78 -40.03 -11.29 -5.17
N ALA E 6 15.58 -12.01 39.17
CA ALA E 6 14.33 -11.35 39.65
C ALA E 6 14.29 -9.85 39.30
N ASP E 7 15.34 -9.12 39.69
CA ASP E 7 15.46 -7.69 39.43
C ASP E 7 15.35 -7.41 37.93
N THR E 8 15.95 -8.28 37.14
CA THR E 8 15.92 -8.11 35.71
C THR E 8 14.49 -8.10 35.16
N LEU E 9 13.58 -8.90 35.74
CA LEU E 9 12.19 -8.88 35.23
C LEU E 9 11.55 -7.54 35.48
N GLU E 10 11.88 -6.91 36.59
CA GLU E 10 11.32 -5.60 36.92
C GLU E 10 11.71 -4.61 35.83
N ARG E 11 13.01 -4.57 35.51
CA ARG E 11 13.49 -3.66 34.49
C ARG E 11 12.97 -4.05 33.11
N VAL E 12 13.04 -5.33 32.78
CA VAL E 12 12.56 -5.81 31.50
C VAL E 12 11.10 -5.45 31.32
N THR E 13 10.30 -5.63 32.36
CA THR E 13 8.88 -5.36 32.27
C THR E 13 8.61 -3.89 32.00
N LYS E 14 9.37 -3.03 32.68
CA LYS E 14 9.23 -1.59 32.54
C LYS E 14 9.48 -1.23 31.09
N ILE E 15 10.52 -1.84 30.49
CA ILE E 15 10.86 -1.60 29.09
C ILE E 15 9.65 -1.93 28.22
N ILE E 16 9.17 -3.17 28.37
CA ILE E 16 8.04 -3.65 27.60
C ILE E 16 6.83 -2.74 27.74
N VAL E 17 6.51 -2.37 28.98
CA VAL E 17 5.39 -1.48 29.26
C VAL E 17 5.60 -0.12 28.61
N ASP E 18 6.77 0.47 28.82
CA ASP E 18 7.08 1.78 28.26
C ASP E 18 7.12 1.80 26.72
N ARG E 19 7.42 0.66 26.09
CA ARG E 19 7.46 0.60 24.62
C ARG E 19 6.11 0.19 24.03
N LEU E 20 5.85 -1.12 24.01
CA LEU E 20 4.60 -1.66 23.49
C LEU E 20 3.35 -1.17 24.22
N GLY E 21 3.52 -0.42 25.31
CA GLY E 21 2.39 0.07 26.07
C GLY E 21 1.26 -0.95 26.19
N VAL E 22 1.47 -1.97 27.02
CA VAL E 22 0.46 -3.03 27.17
C VAL E 22 -0.04 -3.35 28.59
N ASP E 23 -1.01 -2.56 29.02
CA ASP E 23 -1.68 -2.68 30.32
C ASP E 23 -0.76 -2.66 31.55
N GLU E 24 0.09 -3.69 31.64
CA GLU E 24 1.03 -3.91 32.75
C GLU E 24 0.44 -5.19 33.32
N ALA E 25 1.09 -5.79 34.31
CA ALA E 25 0.58 -7.02 34.91
C ALA E 25 0.13 -8.00 33.82
N ASP E 26 0.56 -7.72 32.60
CA ASP E 26 0.22 -8.54 31.44
C ASP E 26 1.53 -9.05 30.87
N VAL E 27 2.59 -8.86 31.65
CA VAL E 27 3.93 -9.25 31.27
C VAL E 27 4.36 -10.59 31.91
N LYS E 28 3.90 -11.70 31.36
CA LYS E 28 4.22 -13.03 31.91
C LYS E 28 5.40 -13.73 31.21
N LEU E 29 6.20 -14.49 31.96
CA LEU E 29 7.35 -15.18 31.38
C LEU E 29 7.03 -15.98 30.11
N GLU E 30 5.78 -16.38 29.97
CA GLU E 30 5.36 -17.15 28.80
C GLU E 30 4.71 -16.25 27.76
N ALA E 31 4.52 -15.00 28.12
CA ALA E 31 3.90 -14.00 27.25
C ALA E 31 4.79 -13.70 26.02
N SER E 32 4.30 -14.07 24.85
CA SER E 32 5.00 -13.84 23.59
C SER E 32 4.86 -12.37 23.20
N PHE E 33 5.98 -11.75 22.84
CA PHE E 33 5.99 -10.34 22.45
C PHE E 33 5.08 -10.09 21.26
N LYS E 34 5.23 -10.89 20.22
CA LYS E 34 4.43 -10.71 19.03
C LYS E 34 2.99 -11.17 19.17
N GLU E 35 2.81 -12.43 19.54
CA GLU E 35 1.47 -12.97 19.68
C GLU E 35 0.63 -12.44 20.82
N ASP E 36 1.21 -12.34 22.02
CA ASP E 36 0.41 -11.93 23.16
C ASP E 36 0.45 -10.47 23.60
N LEU E 37 1.40 -9.71 23.08
CA LEU E 37 1.55 -8.31 23.45
C LEU E 37 1.35 -7.26 22.34
N GLY E 38 1.02 -7.73 21.13
CA GLY E 38 0.78 -6.83 20.01
C GLY E 38 1.99 -6.13 19.40
N ALA E 39 3.10 -6.85 19.24
CA ALA E 39 4.32 -6.26 18.68
C ALA E 39 4.54 -6.68 17.24
N ASP E 40 4.74 -5.69 16.37
CA ASP E 40 5.03 -5.98 14.97
C ASP E 40 6.53 -6.12 14.88
CA PN2 E 41 8.53 -6.39 13.57
N PN2 E 41 7.07 -6.26 13.67
C PN2 E 41 9.27 -5.13 14.06
O PN2 E 41 10.23 -5.23 14.79
CB PN2 E 41 8.97 -6.85 12.18
O5 PN2 E 41 10.40 -6.98 12.14
P6 PN2 E 41 11.04 -8.43 11.82
O7 PN2 E 41 11.50 -8.45 10.33
O8 PN2 E 41 9.84 -9.51 11.97
O9 PN2 E 41 12.26 -8.67 12.70
C11 PN2 E 41 13.78 -8.82 14.72
C12 PN2 E 41 12.46 -8.20 14.05
C13 PN2 E 41 15.07 -8.26 13.98
C14 PN2 E 41 13.71 -8.35 16.15
C10 PN2 E 41 13.82 -10.50 14.55
O10 PN2 E 41 15.20 -11.04 14.64
C9 PN2 E 41 12.96 -11.30 15.63
O39 PN2 E 41 13.60 -12.00 16.58
N8 PN2 E 41 11.61 -11.21 15.56
C7 PN2 E 41 10.60 -12.24 16.00
C42 PN2 E 41 10.97 -12.99 17.32
C43 PN2 E 41 10.55 -12.24 18.60
O44 PN2 E 41 9.29 -12.07 18.96
N4 PN2 E 41 11.58 -11.78 19.29
C3 PN2 E 41 11.43 -10.85 20.51
C47 PN2 E 41 12.79 -10.45 21.01
S1 PN2 E 41 12.71 -9.28 22.47
N LEU E 42 8.82 -3.94 13.65
CA LEU E 42 9.48 -2.73 14.09
C LEU E 42 9.49 -2.57 15.65
N ASP E 43 8.40 -2.99 16.32
CA ASP E 43 8.34 -2.86 17.77
C ASP E 43 9.37 -3.78 18.40
N VAL E 44 9.51 -4.97 17.87
CA VAL E 44 10.47 -5.87 18.47
C VAL E 44 11.93 -5.45 18.29
N VAL E 45 12.22 -4.73 17.21
CA VAL E 45 13.59 -4.25 17.02
C VAL E 45 13.88 -3.09 18.02
N GLU E 46 12.93 -2.20 18.26
CA GLU E 46 13.15 -1.12 19.23
C GLU E 46 13.24 -1.70 20.63
N LEU E 47 12.53 -2.79 20.86
CA LEU E 47 12.51 -3.47 22.12
C LEU E 47 13.91 -4.00 22.37
N VAL E 48 14.44 -4.75 21.41
CA VAL E 48 15.77 -5.33 21.51
C VAL E 48 16.82 -4.24 21.70
N MET E 49 16.64 -3.12 21.03
CA MET E 49 17.61 -2.05 21.16
C MET E 49 17.54 -1.48 22.59
N GLU E 50 16.32 -1.35 23.11
CA GLU E 50 16.07 -0.83 24.44
C GLU E 50 16.80 -1.74 25.44
N LEU E 51 16.71 -3.06 25.21
CA LEU E 51 17.37 -4.05 26.06
C LEU E 51 18.88 -3.94 25.97
N GLU E 52 19.37 -3.61 24.78
CA GLU E 52 20.81 -3.50 24.57
C GLU E 52 21.41 -2.35 25.38
N ASP E 53 20.66 -1.28 25.56
CA ASP E 53 21.16 -0.15 26.31
C ASP E 53 21.06 -0.44 27.77
N GLU E 54 19.84 -0.62 28.22
CA GLU E 54 19.52 -0.93 29.60
C GLU E 54 20.39 -1.99 30.26
N PHE E 55 20.99 -2.88 29.48
CA PHE E 55 21.80 -3.93 30.09
C PHE E 55 23.20 -3.99 29.54
N ASP E 56 23.51 -3.04 28.68
CA ASP E 56 24.82 -2.99 28.06
C ASP E 56 25.27 -4.31 27.45
N MET E 57 24.43 -4.85 26.56
CA MET E 57 24.74 -6.08 25.83
C MET E 57 24.34 -5.82 24.38
N GLU E 58 24.77 -6.70 23.50
CA GLU E 58 24.42 -6.58 22.10
C GLU E 58 23.68 -7.84 21.68
N ILE E 59 22.58 -7.66 20.95
CA ILE E 59 21.76 -8.78 20.49
C ILE E 59 21.72 -8.84 18.96
N SER E 60 22.35 -9.88 18.43
CA SER E 60 22.38 -10.11 17.00
C SER E 60 20.98 -10.40 16.51
N ASP E 61 20.82 -10.38 15.18
CA ASP E 61 19.54 -10.71 14.57
C ASP E 61 19.33 -12.20 14.83
N GLU E 62 20.41 -12.97 14.85
CA GLU E 62 20.32 -14.40 15.09
C GLU E 62 19.72 -14.64 16.48
N ASP E 63 20.26 -13.92 17.47
CA ASP E 63 19.82 -13.99 18.86
C ASP E 63 18.45 -13.39 19.13
N ALA E 64 18.14 -12.31 18.43
CA ALA E 64 16.85 -11.66 18.59
C ALA E 64 15.73 -12.64 18.19
N GLU E 65 15.99 -13.53 17.23
CA GLU E 65 14.97 -14.49 16.81
C GLU E 65 14.81 -15.56 17.89
N LYS E 66 15.94 -15.90 18.50
CA LYS E 66 15.99 -16.93 19.54
C LYS E 66 15.19 -16.54 20.77
N ILE E 67 14.74 -15.30 20.89
CA ILE E 67 13.99 -14.91 22.08
C ILE E 67 12.56 -14.42 21.88
N ALA E 68 11.63 -15.36 21.84
CA ALA E 68 10.22 -15.03 21.63
C ALA E 68 9.45 -14.43 22.82
N THR E 69 9.63 -15.01 24.01
CA THR E 69 8.91 -14.57 25.21
C THR E 69 9.70 -13.71 26.19
N VAL E 70 8.95 -13.09 27.11
CA VAL E 70 9.52 -12.24 28.14
C VAL E 70 10.47 -13.05 28.99
N GLY E 71 10.13 -14.31 29.19
CA GLY E 71 10.99 -15.18 29.96
C GLY E 71 12.24 -15.44 29.16
N ASP E 72 12.09 -15.54 27.84
CA ASP E 72 13.23 -15.78 26.98
C ASP E 72 14.15 -14.58 27.09
N ALA E 73 13.55 -13.40 27.22
CA ALA E 73 14.31 -12.17 27.35
C ALA E 73 15.11 -12.19 28.65
N VAL E 74 14.41 -12.48 29.74
CA VAL E 74 15.04 -12.55 31.04
C VAL E 74 16.20 -13.56 31.00
N ASN E 75 15.91 -14.79 30.61
CA ASN E 75 16.95 -15.82 30.56
C ASN E 75 18.16 -15.41 29.73
N TYR E 76 17.90 -14.79 28.58
CA TYR E 76 18.99 -14.34 27.75
C TYR E 76 19.83 -13.35 28.55
N ILE E 77 19.16 -12.36 29.11
CA ILE E 77 19.86 -11.35 29.89
C ILE E 77 20.69 -11.90 31.04
N GLN E 78 20.09 -12.74 31.88
CA GLN E 78 20.79 -13.24 33.05
C GLN E 78 21.92 -14.26 32.86
N ASN E 79 22.22 -14.67 31.64
CA ASN E 79 23.35 -15.56 31.48
C ASN E 79 24.17 -15.28 30.25
N ALA F 6 18.21 37.96 -11.04
CA ALA F 6 17.12 37.20 -11.71
C ALA F 6 15.71 37.36 -11.09
N ASP F 7 14.81 37.99 -11.84
CA ASP F 7 13.43 38.15 -11.40
C ASP F 7 12.83 36.85 -11.82
N THR F 8 13.57 36.11 -12.63
CA THR F 8 13.13 34.81 -13.09
C THR F 8 13.16 33.90 -11.86
N LEU F 9 14.25 33.97 -11.11
CA LEU F 9 14.40 33.17 -9.90
C LEU F 9 13.34 33.58 -8.90
N GLU F 10 13.14 34.89 -8.76
CA GLU F 10 12.13 35.42 -7.85
C GLU F 10 10.76 34.81 -8.16
N ARG F 11 10.49 34.63 -9.45
CA ARG F 11 9.22 34.07 -9.91
C ARG F 11 9.20 32.56 -9.79
N VAL F 12 10.38 31.97 -9.86
CA VAL F 12 10.51 30.52 -9.74
C VAL F 12 10.37 30.14 -8.29
N THR F 13 10.94 30.94 -7.39
CA THR F 13 10.86 30.66 -5.96
C THR F 13 9.44 30.81 -5.43
N LYS F 14 8.74 31.86 -5.85
CA LYS F 14 7.37 32.07 -5.42
C LYS F 14 6.52 30.84 -5.75
N ILE F 15 6.78 30.23 -6.90
CA ILE F 15 6.03 29.04 -7.32
C ILE F 15 6.37 27.83 -6.46
N ILE F 16 7.66 27.69 -6.14
CA ILE F 16 8.18 26.59 -5.34
C ILE F 16 7.80 26.68 -3.86
N VAL F 17 7.64 27.90 -3.35
CA VAL F 17 7.29 28.06 -1.95
C VAL F 17 5.78 27.98 -1.79
N ASP F 18 5.11 27.53 -2.84
CA ASP F 18 3.66 27.41 -2.77
C ASP F 18 3.11 26.08 -3.28
N ARG F 19 3.95 25.30 -3.93
CA ARG F 19 3.55 24.00 -4.43
C ARG F 19 4.23 22.96 -3.55
N LEU F 20 5.30 23.39 -2.91
CA LEU F 20 6.09 22.54 -2.02
C LEU F 20 5.97 23.01 -0.57
N GLY F 21 5.65 24.28 -0.38
CA GLY F 21 5.50 24.81 0.95
C GLY F 21 6.73 25.22 1.75
N VAL F 22 7.93 24.87 1.29
CA VAL F 22 9.17 25.24 2.00
C VAL F 22 9.19 26.72 2.43
N ASP F 23 10.25 27.15 3.12
CA ASP F 23 10.36 28.55 3.59
C ASP F 23 10.75 29.52 2.46
N GLU F 24 12.02 29.91 2.41
CA GLU F 24 12.50 30.79 1.36
C GLU F 24 13.98 30.61 1.16
N ALA F 25 14.77 30.93 2.18
CA ALA F 25 16.21 30.77 2.08
C ALA F 25 16.51 29.34 1.63
N ASP F 26 15.51 28.48 1.82
CA ASP F 26 15.61 27.08 1.44
C ASP F 26 15.88 26.98 -0.05
N VAL F 27 15.15 27.79 -0.82
CA VAL F 27 15.29 27.81 -2.28
C VAL F 27 16.53 28.55 -2.76
N LYS F 28 17.63 27.82 -2.88
CA LYS F 28 18.88 28.42 -3.35
C LYS F 28 18.94 28.00 -4.80
N LEU F 29 19.95 28.50 -5.52
CA LEU F 29 20.06 28.16 -6.93
C LEU F 29 20.55 26.72 -7.13
N GLU F 30 21.44 26.26 -6.26
CA GLU F 30 21.95 24.91 -6.42
C GLU F 30 21.12 23.91 -5.62
N ALA F 31 19.95 24.36 -5.17
CA ALA F 31 19.06 23.51 -4.39
C ALA F 31 18.45 22.43 -5.28
N SER F 32 18.52 21.17 -4.82
CA SER F 32 17.94 20.05 -5.57
C SER F 32 16.45 19.96 -5.31
N PHE F 33 15.69 19.68 -6.35
CA PHE F 33 14.27 19.56 -6.21
C PHE F 33 13.92 18.34 -5.35
N LYS F 34 14.58 17.22 -5.61
CA LYS F 34 14.29 16.01 -4.84
C LYS F 34 14.94 15.93 -3.47
N GLU F 35 16.26 16.14 -3.42
CA GLU F 35 17.00 16.04 -2.16
C GLU F 35 16.90 17.18 -1.13
N ASP F 36 16.88 18.43 -1.58
CA ASP F 36 16.82 19.58 -0.66
C ASP F 36 15.39 20.12 -0.46
N LEU F 37 14.56 19.96 -1.48
CA LEU F 37 13.18 20.45 -1.42
C LEU F 37 12.18 19.31 -1.14
N GLY F 38 12.65 18.09 -1.36
CA GLY F 38 11.82 16.91 -1.12
C GLY F 38 10.57 16.88 -1.95
N ALA F 39 10.74 17.00 -3.26
CA ALA F 39 9.61 16.96 -4.15
C ALA F 39 9.61 15.59 -4.81
N ASP F 40 8.46 14.94 -4.84
CA ASP F 40 8.37 13.62 -5.46
C ASP F 40 7.92 13.77 -6.89
CA PN2 F 41 7.25 12.57 -8.93
N PN2 F 41 7.69 12.63 -7.54
C PN2 F 41 5.97 13.35 -9.19
O PN2 F 41 5.80 13.90 -10.26
CB PN2 F 41 7.06 11.11 -9.32
O5 PN2 F 41 8.23 10.43 -8.93
P6 PN2 F 41 9.25 9.98 -10.04
O7 PN2 F 41 10.58 10.80 -9.78
O8 PN2 F 41 8.64 10.40 -11.45
O9 PN2 F 41 9.48 8.50 -9.97
N LEU F 42 5.07 13.39 -8.20
CA LEU F 42 3.85 14.14 -8.37
C LEU F 42 4.19 15.61 -8.16
N ASP F 43 4.94 15.94 -7.12
CA ASP F 43 5.29 17.33 -6.89
C ASP F 43 6.00 17.88 -8.12
N VAL F 44 6.96 17.12 -8.63
CA VAL F 44 7.68 17.56 -9.82
C VAL F 44 6.77 17.93 -10.98
N VAL F 45 5.79 17.11 -11.34
CA VAL F 45 4.96 17.51 -12.48
C VAL F 45 4.05 18.71 -12.17
N GLU F 46 3.60 18.86 -10.94
CA GLU F 46 2.76 20.02 -10.64
C GLU F 46 3.64 21.28 -10.71
N LEU F 47 4.91 21.11 -10.33
CA LEU F 47 5.89 22.17 -10.36
C LEU F 47 6.17 22.59 -11.81
N VAL F 48 6.42 21.62 -12.67
CA VAL F 48 6.67 21.88 -14.07
C VAL F 48 5.43 22.51 -14.75
N MET F 49 4.24 22.18 -14.28
CA MET F 49 3.06 22.74 -14.92
C MET F 49 2.85 24.19 -14.49
N GLU F 50 3.25 24.50 -13.28
CA GLU F 50 3.09 25.86 -12.81
C GLU F 50 4.06 26.76 -13.61
N LEU F 51 5.23 26.22 -13.94
CA LEU F 51 6.22 26.96 -14.70
C LEU F 51 5.72 27.11 -16.11
N GLU F 52 5.02 26.08 -16.60
CA GLU F 52 4.47 26.14 -17.94
C GLU F 52 3.56 27.33 -17.95
N ASP F 53 2.80 27.47 -16.89
CA ASP F 53 1.86 28.56 -16.73
C ASP F 53 2.57 29.92 -16.65
N GLU F 54 3.27 30.15 -15.54
CA GLU F 54 3.98 31.41 -15.30
C GLU F 54 4.72 32.00 -16.47
N PHE F 55 5.67 31.23 -17.00
CA PHE F 55 6.50 31.66 -18.11
C PHE F 55 5.95 31.27 -19.49
N ASP F 56 4.76 30.67 -19.50
CA ASP F 56 4.14 30.25 -20.76
C ASP F 56 5.04 29.46 -21.72
N MET F 57 5.43 28.25 -21.35
CA MET F 57 6.23 27.42 -22.24
C MET F 57 5.78 25.96 -22.25
N GLU F 58 6.56 25.10 -22.89
CA GLU F 58 6.22 23.68 -22.94
C GLU F 58 7.37 22.83 -22.42
N ILE F 59 7.13 22.12 -21.31
CA ILE F 59 8.15 21.23 -20.75
C ILE F 59 7.69 19.78 -20.97
N SER F 60 8.35 19.08 -21.87
CA SER F 60 8.01 17.69 -22.17
C SER F 60 8.30 16.78 -20.98
N ASP F 61 7.84 15.53 -21.03
CA ASP F 61 8.08 14.62 -19.91
C ASP F 61 9.59 14.44 -19.72
N GLU F 62 10.35 14.49 -20.81
CA GLU F 62 11.80 14.33 -20.75
C GLU F 62 12.48 15.59 -20.29
N ASP F 63 12.03 16.71 -20.82
CA ASP F 63 12.59 17.99 -20.47
C ASP F 63 12.66 18.10 -18.96
N ALA F 64 11.55 17.78 -18.31
CA ALA F 64 11.40 17.87 -16.88
C ALA F 64 12.37 17.02 -16.06
N GLU F 65 12.84 15.92 -16.63
CA GLU F 65 13.77 15.05 -15.93
C GLU F 65 15.18 15.61 -16.02
N LYS F 66 15.37 16.71 -16.73
CA LYS F 66 16.70 17.30 -16.85
C LYS F 66 16.89 18.42 -15.83
N ILE F 67 15.84 19.20 -15.58
CA ILE F 67 15.93 20.30 -14.63
C ILE F 67 16.10 19.76 -13.20
N ALA F 68 17.31 19.30 -12.92
CA ALA F 68 17.66 18.72 -11.64
C ALA F 68 17.45 19.68 -10.45
N THR F 69 18.02 20.87 -10.53
CA THR F 69 17.89 21.83 -9.44
C THR F 69 17.22 23.10 -9.93
N VAL F 70 17.22 24.11 -9.07
CA VAL F 70 16.61 25.40 -9.38
C VAL F 70 17.35 26.09 -10.54
N GLY F 71 18.64 26.32 -10.37
CA GLY F 71 19.45 26.96 -11.39
C GLY F 71 19.19 26.43 -12.79
N ASP F 72 19.07 25.10 -12.91
CA ASP F 72 18.80 24.45 -14.19
C ASP F 72 17.46 24.93 -14.76
N ALA F 73 16.45 25.01 -13.92
CA ALA F 73 15.14 25.44 -14.37
C ALA F 73 15.18 26.90 -14.82
N VAL F 74 15.96 27.71 -14.11
CA VAL F 74 16.10 29.11 -14.45
C VAL F 74 16.72 29.20 -15.84
N ASN F 75 17.77 28.40 -16.06
CA ASN F 75 18.48 28.35 -17.33
C ASN F 75 17.63 27.93 -18.51
N TYR F 76 16.72 26.98 -18.27
CA TYR F 76 15.85 26.49 -19.32
C TYR F 76 14.81 27.54 -19.66
N ILE F 77 14.39 28.29 -18.66
CA ILE F 77 13.41 29.35 -18.87
C ILE F 77 14.02 30.51 -19.69
N GLN F 78 15.33 30.66 -19.63
CA GLN F 78 16.02 31.68 -20.42
C GLN F 78 16.50 30.99 -21.72
NA NA G . 4.23 7.55 -4.45
#